data_3SAR
#
_entry.id   3SAR
#
_cell.length_a   45.253
_cell.length_b   96.126
_cell.length_c   103.480
_cell.angle_alpha   90.00
_cell.angle_beta   90.00
_cell.angle_gamma   90.00
#
_symmetry.space_group_name_H-M   'P 21 21 21'
#
loop_
_entity.id
_entity.type
_entity.pdbx_description
1 polymer 'Formamidopyrimidine-DNA glycosylase'
2 polymer "5'-D(*AP*GP*GP*TP*AP*GP*AP*CP*CP*TP*GP*GP*AP*CP*GP*C)-3'"
3 polymer "5'-D(*TP*GP*C*GP*TP*CP*CP*AP*GP*GP*TP*(CX2) P*TP*AP*CP*C)-3'"
4 non-polymer 'ZINC ION'
5 non-polymer GLYCEROL
6 water water
#
loop_
_entity_poly.entity_id
_entity_poly.type
_entity_poly.pdbx_seq_one_letter_code
_entity_poly.pdbx_strand_id
1 'polypeptide(L)'
;PELPEVETIRRTLLPLIVGKTIEDVRIFWPNIIRHPRDSEAFAARMIGQTVRGLERRGKFLKFLLDRDALISHLRMEGRY
AVASALEPLEPHTHVVFCFTDGSELRYRDVRKFGTMHVYAKEEADRRPPLAELGPEPLSPAFSPAVLAERAVKTKRSVKA
LLLDCTVVAGFGNIYVDESLFRAGILPGRPAASLSSKEIERLHEEMVATIGEAVMKGGSTVRTYVNTQGEAGTFQHHLYV
YGRQGNPCKRCGTPIEKTVVAGRGTHYCPRCQR
;
A
2 'polydeoxyribonucleotide' (DA)(DG)(DG)(DT)(DA)(DG)(DA)(DC)(DC)(DT)(DG)(DG)(DA)(DC)(DG)(DC) C
3 'polydeoxyribonucleotide' (DT)(DG)(DC)(DG)(DT)(DC)(DC)(DA)(DG)(DG)(DT)(CX2)(DT)(DA)(DC)(DC) D
#
loop_
_chem_comp.id
_chem_comp.type
_chem_comp.name
_chem_comp.formula
CX2 DNA linking 2'-deoxy-5'-O-{(R)-hydroxy[(2-sulfanylethyl)amino]phosphoryl}cytidine 'C11 H19 N4 O6 P S'
DA DNA linking 2'-DEOXYADENOSINE-5'-MONOPHOSPHATE 'C10 H14 N5 O6 P'
DC DNA linking 2'-DEOXYCYTIDINE-5'-MONOPHOSPHATE 'C9 H14 N3 O7 P'
DG DNA linking 2'-DEOXYGUANOSINE-5'-MONOPHOSPHATE 'C10 H14 N5 O7 P'
DT DNA linking THYMIDINE-5'-MONOPHOSPHATE 'C10 H15 N2 O8 P'
GOL non-polymer GLYCEROL 'C3 H8 O3'
ZN non-polymer 'ZINC ION' 'Zn 2'
#
# COMPACT_ATOMS: atom_id res chain seq x y z
N PRO A 1 6.00 3.53 -1.54
CA PRO A 1 5.94 2.62 -2.68
C PRO A 1 4.52 2.13 -2.95
N GLU A 2 4.24 1.72 -4.18
CA GLU A 2 2.97 1.09 -4.53
C GLU A 2 2.96 -0.38 -4.09
N LEU A 3 1.77 -0.97 -4.13
CA LEU A 3 1.56 -2.35 -3.72
C LEU A 3 2.63 -3.30 -4.27
N PRO A 4 2.88 -3.25 -5.59
CA PRO A 4 3.85 -4.18 -6.16
C PRO A 4 5.26 -4.03 -5.58
N GLU A 5 5.67 -2.81 -5.28
CA GLU A 5 6.99 -2.63 -4.66
C GLU A 5 6.99 -3.04 -3.18
N VAL A 6 5.87 -2.88 -2.50
CA VAL A 6 5.75 -3.38 -1.13
C VAL A 6 5.85 -4.90 -1.14
N GLU A 7 5.29 -5.53 -2.16
CA GLU A 7 5.41 -6.99 -2.29
C GLU A 7 6.86 -7.41 -2.48
N THR A 8 7.61 -6.61 -3.23
CA THR A 8 9.02 -6.88 -3.48
C THR A 8 9.80 -6.77 -2.17
N ILE A 9 9.54 -5.70 -1.41
CA ILE A 9 10.15 -5.52 -0.10
C ILE A 9 9.80 -6.69 0.82
N ARG A 10 8.53 -7.07 0.85
CA ARG A 10 8.11 -8.21 1.66
C ARG A 10 8.94 -9.46 1.33
N ARG A 11 9.03 -9.76 0.04
CA ARG A 11 9.71 -10.96 -0.42
C ARG A 11 11.21 -10.90 -0.11
N THR A 12 11.81 -9.72 -0.30
CA THR A 12 13.25 -9.56 -0.14
C THR A 12 13.68 -9.46 1.33
N LEU A 13 12.87 -8.81 2.15
CA LEU A 13 13.18 -8.61 3.56
C LEU A 13 13.06 -9.89 4.39
N LEU A 14 12.07 -10.73 4.08
CA LEU A 14 11.77 -11.90 4.89
C LEU A 14 13.00 -12.76 5.24
N PRO A 15 13.77 -13.21 4.24
CA PRO A 15 14.89 -14.11 4.58
C PRO A 15 15.99 -13.41 5.38
N LEU A 16 16.01 -12.09 5.32
CA LEU A 16 17.02 -11.33 6.04
C LEU A 16 16.69 -11.19 7.52
N ILE A 17 15.44 -11.47 7.90
CA ILE A 17 15.05 -11.33 9.30
C ILE A 17 14.40 -12.57 9.92
N VAL A 18 13.96 -13.51 9.11
CA VAL A 18 13.22 -14.63 9.68
C VAL A 18 14.09 -15.40 10.69
N GLY A 19 13.49 -15.83 11.80
CA GLY A 19 14.24 -16.59 12.80
C GLY A 19 15.12 -15.76 13.71
N LYS A 20 15.19 -14.44 13.49
CA LYS A 20 15.98 -13.59 14.39
C LYS A 20 15.17 -13.16 15.60
N THR A 21 15.84 -13.06 16.76
CA THR A 21 15.20 -12.67 18.02
C THR A 21 15.54 -11.25 18.43
N ILE A 22 14.51 -10.48 18.78
CA ILE A 22 14.69 -9.09 19.16
C ILE A 22 15.28 -8.96 20.56
N GLU A 23 16.31 -8.14 20.68
CA GLU A 23 17.00 -7.97 21.93
C GLU A 23 16.81 -6.55 22.44
N ASP A 24 16.52 -5.63 21.52
CA ASP A 24 16.31 -4.22 21.89
C ASP A 24 15.51 -3.52 20.81
N VAL A 25 14.82 -2.44 21.19
CA VAL A 25 14.10 -1.62 20.22
C VAL A 25 14.41 -0.18 20.58
N ARG A 26 14.93 0.58 19.62
CA ARG A 26 15.31 1.96 19.89
C ARG A 26 14.46 2.84 19.00
N ILE A 27 13.87 3.87 19.61
CA ILE A 27 12.92 4.71 18.92
C ILE A 27 13.37 6.16 19.01
N PHE A 28 13.63 6.77 17.86
CA PHE A 28 14.13 8.14 17.81
C PHE A 28 13.06 9.13 17.38
N TRP A 29 11.92 8.63 16.91
CA TRP A 29 10.78 9.50 16.65
C TRP A 29 9.49 8.81 17.05
N PRO A 30 9.07 8.97 18.31
CA PRO A 30 7.96 8.23 18.89
C PRO A 30 6.65 8.38 18.12
N ASN A 31 6.44 9.49 17.43
CA ASN A 31 5.17 9.71 16.74
C ASN A 31 4.89 8.67 15.65
N ILE A 32 5.93 7.99 15.18
CA ILE A 32 5.76 6.93 14.20
C ILE A 32 5.00 5.75 14.81
N ILE A 33 5.22 5.50 16.10
CA ILE A 33 4.52 4.43 16.81
C ILE A 33 3.11 4.89 17.15
N ARG A 34 2.11 4.23 16.57
CA ARG A 34 0.71 4.62 16.71
C ARG A 34 -0.03 3.70 17.66
N HIS A 35 0.43 2.46 17.83
CA HIS A 35 -0.14 1.57 18.86
C HIS A 35 0.84 0.51 19.36
N PRO A 36 0.94 0.33 20.68
CA PRO A 36 0.36 1.16 21.75
C PRO A 36 0.83 2.60 21.60
N ARG A 37 0.01 3.55 22.06
CA ARG A 37 0.34 4.96 21.90
C ARG A 37 1.66 5.32 22.59
N ASP A 38 1.91 4.70 23.74
CA ASP A 38 3.15 4.90 24.48
C ASP A 38 4.28 4.09 23.84
N SER A 39 5.23 4.78 23.22
CA SER A 39 6.30 4.08 22.50
C SER A 39 7.13 3.19 23.43
N GLU A 40 7.13 3.50 24.73
CA GLU A 40 7.86 2.67 25.69
C GLU A 40 7.27 1.26 25.77
N ALA A 41 5.94 1.16 25.66
CA ALA A 41 5.25 -0.13 25.75
C ALA A 41 5.47 -0.90 24.47
N PHE A 42 5.40 -0.19 23.34
CA PHE A 42 5.77 -0.74 22.04
C PHE A 42 7.14 -1.40 22.09
N ALA A 43 8.16 -0.68 22.54
CA ALA A 43 9.51 -1.23 22.60
C ALA A 43 9.59 -2.42 23.56
N ALA A 44 9.06 -2.26 24.76
CA ALA A 44 9.14 -3.35 25.76
C ALA A 44 8.50 -4.67 25.33
N ARG A 45 7.33 -4.59 24.69
CA ARG A 45 6.62 -5.83 24.37
C ARG A 45 7.30 -6.64 23.26
N MET A 46 8.08 -5.97 22.42
CA MET A 46 8.72 -6.66 21.30
C MET A 46 9.97 -7.44 21.73
N ILE A 47 10.63 -6.96 22.78
CA ILE A 47 11.84 -7.60 23.31
C ILE A 47 11.63 -9.08 23.57
N GLY A 48 12.52 -9.91 23.03
CA GLY A 48 12.45 -11.35 23.25
C GLY A 48 11.58 -12.10 22.27
N GLN A 49 10.86 -11.40 21.40
CA GLN A 49 10.09 -12.10 20.38
C GLN A 49 10.96 -12.38 19.16
N THR A 50 10.67 -13.48 18.50
CA THR A 50 11.37 -13.91 17.30
C THR A 50 10.52 -13.65 16.06
N VAL A 51 11.17 -13.19 14.99
CA VAL A 51 10.44 -12.96 13.72
C VAL A 51 10.14 -14.31 13.05
N ARG A 52 8.86 -14.56 12.79
CA ARG A 52 8.42 -15.83 12.21
C ARG A 52 7.94 -15.68 10.78
N GLY A 53 7.53 -14.48 10.40
CA GLY A 53 7.04 -14.30 9.04
C GLY A 53 6.85 -12.86 8.66
N LEU A 54 6.54 -12.62 7.39
CA LEU A 54 6.30 -11.28 6.90
C LEU A 54 5.29 -11.34 5.77
N GLU A 55 4.15 -10.69 5.98
CA GLU A 55 3.07 -10.74 5.02
C GLU A 55 2.77 -9.33 4.54
N ARG A 56 1.94 -9.22 3.52
CA ARG A 56 1.54 -7.92 2.98
C ARG A 56 0.02 -7.85 2.91
N ARG A 57 -0.54 -6.72 3.34
CA ARG A 57 -1.97 -6.42 3.11
C ARG A 57 -2.08 -5.02 2.55
N GLY A 58 -2.54 -4.93 1.31
CA GLY A 58 -2.53 -3.65 0.63
C GLY A 58 -1.11 -3.14 0.60
N LYS A 59 -0.90 -1.90 1.04
CA LYS A 59 0.45 -1.35 1.12
C LYS A 59 1.10 -1.58 2.50
N PHE A 60 0.40 -2.29 3.39
CA PHE A 60 0.91 -2.55 4.74
C PHE A 60 1.75 -3.81 4.75
N LEU A 61 2.88 -3.72 5.44
CA LEU A 61 3.66 -4.89 5.78
C LEU A 61 3.20 -5.39 7.14
N LYS A 62 3.05 -6.69 7.28
CA LYS A 62 2.69 -7.30 8.54
C LYS A 62 3.79 -8.27 8.99
N PHE A 63 4.63 -7.83 9.92
CA PHE A 63 5.70 -8.66 10.48
C PHE A 63 5.07 -9.55 11.53
N LEU A 64 5.21 -10.85 11.37
CA LEU A 64 4.65 -11.79 12.34
C LEU A 64 5.75 -12.24 13.30
N LEU A 65 5.52 -12.01 14.59
CA LEU A 65 6.48 -12.43 15.61
C LEU A 65 5.90 -13.61 16.39
N ASP A 66 6.24 -13.75 17.66
CA ASP A 66 5.74 -14.90 18.43
C ASP A 66 4.30 -14.72 18.86
N ARG A 67 4.06 -13.66 19.62
CA ARG A 67 2.74 -13.31 20.10
C ARG A 67 2.13 -12.18 19.27
N ASP A 68 2.97 -11.24 18.85
CA ASP A 68 2.48 -10.01 18.21
C ASP A 68 2.64 -9.96 16.70
N ALA A 69 1.90 -9.05 16.08
CA ALA A 69 2.12 -8.65 14.70
C ALA A 69 2.49 -7.17 14.71
N LEU A 70 3.49 -6.80 13.93
CA LEU A 70 3.85 -5.39 13.72
C LEU A 70 3.34 -4.98 12.34
N ILE A 71 2.43 -4.01 12.30
CA ILE A 71 1.85 -3.53 11.06
C ILE A 71 2.49 -2.21 10.70
N SER A 72 3.15 -2.18 9.55
CA SER A 72 4.02 -1.06 9.18
C SER A 72 3.58 -0.48 7.83
N HIS A 73 3.40 0.82 7.76
CA HIS A 73 3.11 1.49 6.48
C HIS A 73 4.25 2.45 6.20
N LEU A 74 4.88 2.30 5.03
CA LEU A 74 6.03 3.12 4.65
C LEU A 74 5.62 4.51 4.12
N ARG A 75 4.35 4.67 3.78
CA ARG A 75 3.86 5.94 3.22
C ARG A 75 4.78 6.42 2.10
N MET A 76 5.22 7.67 2.21
CA MET A 76 5.94 8.33 1.11
C MET A 76 7.35 7.78 0.85
N GLU A 77 8.21 7.82 1.84
CA GLU A 77 9.60 7.42 1.61
C GLU A 77 10.21 6.54 2.69
N GLY A 78 9.37 5.83 3.44
CA GLY A 78 9.86 4.88 4.43
C GLY A 78 10.65 3.76 3.76
N ARG A 79 11.70 3.28 4.42
CA ARG A 79 12.49 2.18 3.88
C ARG A 79 13.08 1.37 5.03
N TYR A 80 13.17 0.06 4.82
CA TYR A 80 13.78 -0.84 5.79
C TYR A 80 15.10 -1.33 5.24
N ALA A 81 16.09 -1.51 6.11
CA ALA A 81 17.33 -2.17 5.72
C ALA A 81 17.80 -3.04 6.88
N VAL A 82 18.56 -4.07 6.58
CA VAL A 82 19.15 -4.91 7.62
C VAL A 82 20.64 -4.68 7.55
N ALA A 83 21.26 -4.39 8.69
CA ALA A 83 22.69 -4.09 8.72
C ALA A 83 23.25 -4.35 10.11
N SER A 84 24.57 -4.27 10.25
CA SER A 84 25.27 -4.54 11.49
C SER A 84 25.10 -3.43 12.52
N ALA A 85 24.93 -3.81 13.78
CA ALA A 85 24.92 -2.86 14.89
C ALA A 85 26.23 -2.11 15.05
N LEU A 86 27.29 -2.58 14.39
CA LEU A 86 28.59 -1.95 14.57
C LEU A 86 28.80 -0.74 13.66
N GLU A 87 27.95 -0.60 12.64
CA GLU A 87 28.08 0.48 11.68
C GLU A 87 27.24 1.69 12.08
N PRO A 88 27.68 2.90 11.72
CA PRO A 88 26.86 4.09 12.01
C PRO A 88 25.52 4.03 11.30
N LEU A 89 24.45 4.42 11.98
CA LEU A 89 23.15 4.51 11.32
C LEU A 89 23.21 5.53 10.18
N GLU A 90 22.35 5.34 9.18
CA GLU A 90 22.23 6.28 8.09
C GLU A 90 21.29 7.41 8.53
N PRO A 91 21.27 8.52 7.78
CA PRO A 91 20.40 9.65 8.12
C PRO A 91 18.92 9.29 8.15
N HIS A 92 18.19 9.94 9.04
CA HIS A 92 16.73 9.81 9.11
C HIS A 92 16.29 8.40 9.56
N THR A 93 17.10 7.79 10.42
CA THR A 93 16.74 6.51 11.01
C THR A 93 15.91 6.75 12.27
N HIS A 94 14.65 6.36 12.25
CA HIS A 94 13.74 6.66 13.36
C HIS A 94 13.38 5.49 14.26
N VAL A 95 13.47 4.27 13.74
CA VAL A 95 13.21 3.11 14.58
C VAL A 95 14.23 2.00 14.25
N VAL A 96 14.79 1.35 15.26
CA VAL A 96 15.75 0.26 15.04
C VAL A 96 15.39 -0.93 15.92
N PHE A 97 15.27 -2.09 15.28
CA PHE A 97 15.04 -3.33 16.00
C PHE A 97 16.37 -4.06 16.03
N CYS A 98 16.92 -4.25 17.23
CA CYS A 98 18.22 -4.93 17.37
C CYS A 98 18.01 -6.40 17.65
N PHE A 99 18.69 -7.25 16.89
CA PHE A 99 18.58 -8.70 17.05
C PHE A 99 19.73 -9.27 17.85
N THR A 100 19.54 -10.45 18.41
CA THR A 100 20.54 -11.06 19.29
C THR A 100 21.82 -11.45 18.54
N ASP A 101 21.76 -11.45 17.21
CA ASP A 101 22.93 -11.84 16.42
C ASP A 101 23.79 -10.65 15.99
N GLY A 102 23.51 -9.48 16.54
CA GLY A 102 24.30 -8.30 16.22
C GLY A 102 23.89 -7.57 14.96
N SER A 103 22.82 -8.06 14.31
CA SER A 103 22.24 -7.33 13.19
C SER A 103 21.04 -6.50 13.64
N GLU A 104 20.57 -5.62 12.76
CA GLU A 104 19.48 -4.71 13.08
C GLU A 104 18.55 -4.55 11.90
N LEU A 105 17.26 -4.40 12.18
CA LEU A 105 16.31 -3.96 11.17
C LEU A 105 16.11 -2.45 11.39
N ARG A 106 16.49 -1.65 10.42
CA ARG A 106 16.44 -0.19 10.57
C ARG A 106 15.30 0.37 9.74
N TYR A 107 14.55 1.29 10.33
CA TYR A 107 13.51 2.00 9.60
C TYR A 107 13.92 3.46 9.39
N ARG A 108 14.02 3.88 8.12
CA ARG A 108 14.39 5.26 7.78
C ARG A 108 13.23 5.93 7.05
N ASP A 109 13.05 7.23 7.25
CA ASP A 109 11.87 7.92 6.71
C ASP A 109 12.09 9.44 6.75
N VAL A 110 12.50 10.02 5.63
CA VAL A 110 12.77 11.46 5.63
C VAL A 110 11.60 12.29 6.18
N ARG A 111 10.41 12.07 5.63
N ARG A 111 10.41 12.03 5.64
CA ARG A 111 9.23 12.85 6.02
CA ARG A 111 9.22 12.82 5.99
C ARG A 111 8.66 12.47 7.38
C ARG A 111 8.64 12.46 7.36
N LYS A 112 9.06 11.32 7.91
CA LYS A 112 8.49 10.83 9.16
C LYS A 112 6.99 10.60 9.02
N PHE A 113 6.55 10.15 7.85
CA PHE A 113 5.11 9.97 7.62
C PHE A 113 4.63 8.52 7.87
N GLY A 114 5.56 7.57 7.88
CA GLY A 114 5.22 6.16 8.13
C GLY A 114 4.63 5.87 9.51
N THR A 115 3.97 4.73 9.64
CA THR A 115 3.29 4.38 10.88
C THR A 115 3.62 2.93 11.32
N MET A 116 3.64 2.70 12.63
CA MET A 116 3.76 1.34 13.16
C MET A 116 2.68 1.05 14.22
N HIS A 117 2.02 -0.10 14.11
CA HIS A 117 1.05 -0.54 15.11
C HIS A 117 1.40 -1.96 15.52
N VAL A 118 1.41 -2.25 16.82
CA VAL A 118 1.66 -3.62 17.26
C VAL A 118 0.44 -4.10 18.04
N TYR A 119 -0.08 -5.28 17.67
CA TYR A 119 -1.15 -5.94 18.41
C TYR A 119 -0.83 -7.44 18.52
N ALA A 120 -1.45 -8.12 19.48
CA ALA A 120 -1.48 -9.57 19.45
C ALA A 120 -1.93 -10.01 18.06
N LYS A 121 -1.28 -11.02 17.51
CA LYS A 121 -1.58 -11.50 16.15
C LYS A 121 -3.07 -11.63 15.85
N GLU A 122 -3.80 -12.24 16.78
CA GLU A 122 -5.20 -12.58 16.54
C GLU A 122 -6.09 -11.35 16.49
N GLU A 123 -5.54 -10.19 16.83
CA GLU A 123 -6.30 -8.95 16.89
C GLU A 123 -6.01 -8.03 15.71
N ALA A 124 -4.84 -8.22 15.11
CA ALA A 124 -4.32 -7.25 14.15
C ALA A 124 -5.30 -6.98 13.01
N ASP A 125 -6.00 -8.02 12.57
CA ASP A 125 -6.86 -7.90 11.41
C ASP A 125 -8.17 -7.18 11.72
N ARG A 126 -8.54 -7.12 13.00
CA ARG A 126 -9.79 -6.45 13.37
C ARG A 126 -9.58 -5.11 14.09
N ARG A 127 -8.35 -4.58 14.02
CA ARG A 127 -8.02 -3.30 14.64
C ARG A 127 -7.47 -2.38 13.56
N PRO A 128 -7.44 -1.06 13.81
CA PRO A 128 -6.80 -0.20 12.79
C PRO A 128 -5.33 -0.58 12.72
N PRO A 129 -4.70 -0.41 11.54
CA PRO A 129 -5.30 0.16 10.33
C PRO A 129 -5.81 -0.90 9.35
N LEU A 130 -5.67 -2.18 9.68
CA LEU A 130 -6.11 -3.23 8.76
C LEU A 130 -7.62 -3.45 8.75
N ALA A 131 -8.28 -3.12 9.86
CA ALA A 131 -9.73 -3.26 9.95
C ALA A 131 -10.40 -2.50 8.80
N GLU A 132 -11.34 -3.14 8.13
CA GLU A 132 -12.10 -2.48 7.04
C GLU A 132 -11.39 -2.52 5.69
N LEU A 133 -10.09 -2.82 5.69
CA LEU A 133 -9.33 -2.87 4.43
C LEU A 133 -9.98 -3.84 3.44
N GLY A 134 -10.19 -3.39 2.21
CA GLY A 134 -10.81 -4.23 1.20
C GLY A 134 -9.97 -5.42 0.76
N PRO A 135 -10.54 -6.30 -0.06
CA PRO A 135 -9.90 -7.51 -0.55
C PRO A 135 -8.64 -7.21 -1.36
N GLU A 136 -7.69 -8.14 -1.37
CA GLU A 136 -6.50 -8.04 -2.22
C GLU A 136 -6.93 -8.08 -3.69
N PRO A 137 -6.43 -7.13 -4.50
CA PRO A 137 -6.87 -7.03 -5.89
C PRO A 137 -6.56 -8.28 -6.71
N LEU A 138 -5.53 -9.02 -6.32
CA LEU A 138 -5.16 -10.23 -7.06
C LEU A 138 -5.86 -11.47 -6.51
N SER A 139 -6.77 -11.27 -5.57
CA SER A 139 -7.46 -12.40 -4.95
C SER A 139 -8.86 -12.57 -5.51
N PRO A 140 -9.38 -13.81 -5.45
CA PRO A 140 -10.73 -14.10 -5.94
C PRO A 140 -11.77 -13.29 -5.19
N ALA A 141 -11.43 -12.86 -3.97
CA ALA A 141 -12.32 -12.05 -3.14
C ALA A 141 -12.63 -10.69 -3.77
N PHE A 142 -11.75 -10.21 -4.64
CA PHE A 142 -12.02 -8.99 -5.39
C PHE A 142 -12.59 -9.38 -6.75
N SER A 143 -13.91 -9.23 -6.90
CA SER A 143 -14.59 -9.71 -8.09
C SER A 143 -15.42 -8.61 -8.75
N PRO A 144 -15.82 -8.81 -10.01
CA PRO A 144 -16.73 -7.84 -10.64
C PRO A 144 -18.01 -7.68 -9.83
N ALA A 145 -18.49 -8.76 -9.24
CA ALA A 145 -19.69 -8.71 -8.40
C ALA A 145 -19.52 -7.72 -7.25
N VAL A 146 -18.39 -7.84 -6.56
CA VAL A 146 -18.10 -6.97 -5.43
C VAL A 146 -18.02 -5.53 -5.87
N LEU A 147 -17.33 -5.30 -6.99
CA LEU A 147 -17.18 -3.96 -7.53
C LEU A 147 -18.53 -3.38 -7.97
N ALA A 148 -19.33 -4.19 -8.65
CA ALA A 148 -20.65 -3.75 -9.13
C ALA A 148 -21.54 -3.37 -7.96
N GLU A 149 -21.51 -4.18 -6.92
CA GLU A 149 -22.31 -3.95 -5.73
C GLU A 149 -22.00 -2.58 -5.11
N ARG A 150 -20.71 -2.23 -5.03
CA ARG A 150 -20.33 -0.94 -4.46
C ARG A 150 -20.67 0.22 -5.40
N ALA A 151 -20.47 0.00 -6.70
CA ALA A 151 -20.75 1.03 -7.71
C ALA A 151 -22.23 1.43 -7.75
N VAL A 152 -23.11 0.43 -7.77
CA VAL A 152 -24.54 0.69 -7.89
C VAL A 152 -25.09 1.41 -6.65
N LYS A 153 -24.31 1.44 -5.59
CA LYS A 153 -24.78 1.88 -4.28
C LYS A 153 -24.42 3.33 -3.94
N THR A 154 -23.50 3.92 -4.68
CA THR A 154 -22.94 5.22 -4.32
C THR A 154 -23.30 6.34 -5.30
N LYS A 155 -23.16 7.58 -4.83
CA LYS A 155 -23.33 8.75 -5.69
C LYS A 155 -21.97 9.27 -6.17
N ARG A 156 -20.90 8.60 -5.77
CA ARG A 156 -19.54 9.07 -6.06
C ARG A 156 -19.11 8.79 -7.49
N SER A 157 -18.09 9.54 -7.93
CA SER A 157 -17.47 9.29 -9.22
C SER A 157 -16.77 7.93 -9.15
N VAL A 158 -16.48 7.34 -10.30
CA VAL A 158 -15.82 6.04 -10.29
C VAL A 158 -14.42 6.14 -9.66
N LYS A 159 -13.72 7.25 -9.92
CA LYS A 159 -12.40 7.44 -9.31
C LYS A 159 -12.48 7.46 -7.80
N ALA A 160 -13.40 8.25 -7.25
CA ALA A 160 -13.56 8.33 -5.80
C ALA A 160 -13.82 6.93 -5.22
N LEU A 161 -14.63 6.16 -5.92
CA LEU A 161 -14.94 4.80 -5.49
C LEU A 161 -13.69 3.93 -5.42
N LEU A 162 -12.86 4.01 -6.45
CA LEU A 162 -11.69 3.16 -6.56
C LEU A 162 -10.57 3.56 -5.60
N LEU A 163 -10.62 4.79 -5.10
CA LEU A 163 -9.62 5.27 -4.12
C LEU A 163 -10.02 4.88 -2.69
N ASP A 164 -11.25 4.41 -2.53
CA ASP A 164 -11.76 3.98 -1.23
C ASP A 164 -11.12 2.66 -0.80
N CYS A 165 -10.31 2.68 0.25
CA CYS A 165 -9.56 1.50 0.68
C CYS A 165 -10.45 0.30 1.09
N THR A 166 -11.72 0.56 1.42
CA THR A 166 -12.64 -0.53 1.78
C THR A 166 -13.10 -1.29 0.54
N VAL A 167 -12.94 -0.67 -0.62
CA VAL A 167 -13.41 -1.29 -1.85
C VAL A 167 -12.45 -2.38 -2.29
N VAL A 168 -11.16 -2.05 -2.27
CA VAL A 168 -10.09 -2.95 -2.70
C VAL A 168 -8.78 -2.41 -2.11
N ALA A 169 -7.83 -3.29 -1.82
CA ALA A 169 -6.60 -2.89 -1.14
C ALA A 169 -5.49 -2.46 -2.10
N GLY A 170 -4.80 -1.38 -1.75
CA GLY A 170 -3.59 -0.98 -2.48
C GLY A 170 -3.78 -0.20 -3.76
N PHE A 171 -4.97 0.32 -4.00
CA PHE A 171 -5.16 1.18 -5.17
C PHE A 171 -5.08 2.65 -4.76
N GLY A 172 -4.07 3.33 -5.29
CA GLY A 172 -3.88 4.76 -5.08
C GLY A 172 -4.03 5.53 -6.38
N ASN A 173 -3.63 6.81 -6.36
CA ASN A 173 -3.91 7.71 -7.47
C ASN A 173 -3.38 7.15 -8.78
N ILE A 174 -2.16 6.62 -8.78
CA ILE A 174 -1.55 6.20 -10.04
C ILE A 174 -2.31 5.05 -10.68
N TYR A 175 -2.49 3.96 -9.93
CA TYR A 175 -3.13 2.77 -10.50
C TYR A 175 -4.60 2.98 -10.83
N VAL A 176 -5.25 3.88 -10.10
CA VAL A 176 -6.63 4.21 -10.43
C VAL A 176 -6.70 4.89 -11.81
N ASP A 177 -5.89 5.94 -12.03
CA ASP A 177 -5.88 6.62 -13.33
C ASP A 177 -5.49 5.69 -14.47
N GLU A 178 -4.48 4.86 -14.24
CA GLU A 178 -3.99 3.92 -15.26
C GLU A 178 -5.03 2.85 -15.61
N SER A 179 -5.68 2.31 -14.58
CA SER A 179 -6.71 1.28 -14.77
C SER A 179 -7.91 1.85 -15.54
N LEU A 180 -8.32 3.05 -15.16
CA LEU A 180 -9.44 3.70 -15.82
C LEU A 180 -9.10 3.94 -17.28
N PHE A 181 -7.86 4.33 -17.57
CA PHE A 181 -7.49 4.55 -18.95
C PHE A 181 -7.55 3.23 -19.74
N ARG A 182 -6.97 2.19 -19.18
CA ARG A 182 -6.93 0.90 -19.86
C ARG A 182 -8.32 0.30 -20.06
N ALA A 183 -9.26 0.67 -19.18
CA ALA A 183 -10.63 0.21 -19.30
C ALA A 183 -11.50 1.12 -20.20
N GLY A 184 -10.97 2.28 -20.59
CA GLY A 184 -11.72 3.21 -21.42
C GLY A 184 -12.83 3.98 -20.72
N ILE A 185 -12.66 4.21 -19.42
CA ILE A 185 -13.68 4.87 -18.61
C ILE A 185 -13.16 6.20 -18.03
N LEU A 186 -13.89 7.29 -18.25
CA LEU A 186 -13.53 8.58 -17.65
C LEU A 186 -13.66 8.51 -16.12
N PRO A 187 -12.68 9.09 -15.40
CA PRO A 187 -12.60 9.02 -13.94
C PRO A 187 -13.72 9.77 -13.24
N GLY A 188 -14.27 10.78 -13.91
CA GLY A 188 -15.29 11.62 -13.33
C GLY A 188 -16.70 11.08 -13.51
N ARG A 189 -16.83 9.96 -14.21
CA ARG A 189 -18.15 9.38 -14.38
C ARG A 189 -18.72 8.83 -13.07
N PRO A 190 -20.03 9.01 -12.86
CA PRO A 190 -20.65 8.42 -11.66
C PRO A 190 -20.41 6.91 -11.65
N ALA A 191 -19.97 6.38 -10.51
CA ALA A 191 -19.76 4.93 -10.41
C ALA A 191 -21.02 4.18 -10.81
N ALA A 192 -22.17 4.72 -10.43
CA ALA A 192 -23.45 4.07 -10.69
C ALA A 192 -23.84 4.09 -12.17
N SER A 193 -23.10 4.84 -12.97
CA SER A 193 -23.41 4.98 -14.40
C SER A 193 -22.69 3.92 -15.25
N LEU A 194 -21.80 3.15 -14.63
CA LEU A 194 -21.09 2.12 -15.37
C LEU A 194 -22.01 0.94 -15.69
N SER A 195 -22.06 0.54 -16.95
CA SER A 195 -22.77 -0.66 -17.34
C SER A 195 -22.05 -1.88 -16.78
N SER A 196 -22.74 -3.02 -16.74
CA SER A 196 -22.12 -4.26 -16.26
C SER A 196 -20.90 -4.60 -17.12
N LYS A 197 -20.98 -4.26 -18.40
CA LYS A 197 -19.86 -4.50 -19.31
C LYS A 197 -18.63 -3.70 -18.88
N GLU A 198 -18.85 -2.46 -18.46
CA GLU A 198 -17.77 -1.58 -18.05
C GLU A 198 -17.17 -2.01 -16.71
N ILE A 199 -18.03 -2.42 -15.79
CA ILE A 199 -17.57 -2.95 -14.52
C ILE A 199 -16.67 -4.16 -14.74
N GLU A 200 -17.09 -5.06 -15.61
CA GLU A 200 -16.30 -6.24 -15.95
C GLU A 200 -14.95 -5.84 -16.53
N ARG A 201 -14.96 -4.87 -17.44
CA ARG A 201 -13.73 -4.41 -18.06
C ARG A 201 -12.79 -3.70 -17.07
N LEU A 202 -13.36 -2.88 -16.20
CA LEU A 202 -12.58 -2.17 -15.19
C LEU A 202 -11.95 -3.17 -14.22
N HIS A 203 -12.73 -4.16 -13.79
CA HIS A 203 -12.18 -5.19 -12.90
C HIS A 203 -10.99 -5.88 -13.56
N GLU A 204 -11.15 -6.21 -14.84
CA GLU A 204 -10.12 -6.93 -15.57
C GLU A 204 -8.86 -6.09 -15.70
N GLU A 205 -9.02 -4.79 -15.94
CA GLU A 205 -7.87 -3.93 -16.14
C GLU A 205 -7.20 -3.58 -14.81
N MET A 206 -8.01 -3.47 -13.76
CA MET A 206 -7.46 -3.25 -12.42
C MET A 206 -6.54 -4.42 -12.05
N VAL A 207 -7.00 -5.64 -12.31
CA VAL A 207 -6.21 -6.83 -11.98
C VAL A 207 -4.94 -6.91 -12.83
N ALA A 208 -5.05 -6.58 -14.11
CA ALA A 208 -3.89 -6.64 -15.01
C ALA A 208 -2.87 -5.57 -14.67
N THR A 209 -3.36 -4.41 -14.27
CA THR A 209 -2.49 -3.29 -13.94
C THR A 209 -1.56 -3.65 -12.77
N ILE A 210 -2.13 -4.01 -11.63
CA ILE A 210 -1.29 -4.39 -10.49
C ILE A 210 -0.61 -5.74 -10.73
N GLY A 211 -1.28 -6.64 -11.43
CA GLY A 211 -0.72 -7.95 -11.72
C GLY A 211 0.57 -7.90 -12.54
N GLU A 212 0.59 -7.04 -13.55
CA GLU A 212 1.77 -6.89 -14.40
C GLU A 212 2.91 -6.25 -13.63
N ALA A 213 2.58 -5.41 -12.68
CA ALA A 213 3.61 -4.71 -11.89
C ALA A 213 4.21 -5.61 -10.82
N VAL A 214 3.39 -6.45 -10.18
CA VAL A 214 3.88 -7.34 -9.13
C VAL A 214 4.78 -8.43 -9.70
N MET A 215 4.44 -8.92 -10.89
CA MET A 215 5.27 -9.91 -11.56
C MET A 215 6.52 -9.26 -12.18
N LYS A 216 6.32 -8.15 -12.87
CA LYS A 216 7.43 -7.44 -13.52
C LYS A 216 8.10 -6.46 -12.56
N HIS A 237 6.20 1.90 -17.54
CA HIS A 237 5.44 2.28 -18.72
C HIS A 237 4.03 2.75 -18.37
N LEU A 238 3.88 4.06 -18.18
CA LEU A 238 2.60 4.67 -17.84
C LEU A 238 1.90 5.20 -19.09
N TYR A 239 0.57 5.12 -19.11
CA TYR A 239 -0.24 5.63 -20.21
C TYR A 239 -0.67 7.07 -20.00
N VAL A 240 -1.07 7.41 -18.78
CA VAL A 240 -1.65 8.72 -18.51
C VAL A 240 -1.06 9.45 -17.30
N TYR A 241 -0.69 8.71 -16.26
CA TYR A 241 -0.31 9.39 -15.02
C TYR A 241 0.89 10.29 -15.21
N GLY A 242 0.73 11.57 -14.91
CA GLY A 242 1.81 12.54 -15.06
C GLY A 242 2.22 12.85 -16.49
N ARG A 243 1.40 12.43 -17.46
CA ARG A 243 1.76 12.62 -18.86
C ARG A 243 0.97 13.74 -19.53
N GLN A 244 0.34 14.61 -18.73
CA GLN A 244 -0.48 15.68 -19.30
C GLN A 244 0.32 16.52 -20.29
N GLY A 245 -0.29 16.80 -21.43
CA GLY A 245 0.38 17.56 -22.48
C GLY A 245 1.06 16.66 -23.48
N ASN A 246 1.34 15.43 -23.09
CA ASN A 246 2.00 14.47 -23.97
C ASN A 246 0.96 13.66 -24.73
N PRO A 247 1.33 13.16 -25.92
CA PRO A 247 0.37 12.38 -26.72
C PRO A 247 0.04 11.05 -26.07
N CYS A 248 -1.23 10.68 -26.14
CA CYS A 248 -1.67 9.36 -25.71
C CYS A 248 -0.97 8.27 -26.52
N LYS A 249 -0.53 7.22 -25.83
CA LYS A 249 0.24 6.16 -26.44
C LYS A 249 -0.60 5.28 -27.36
N ARG A 250 -1.92 5.34 -27.20
CA ARG A 250 -2.80 4.56 -28.06
C ARG A 250 -3.47 5.33 -29.21
N CYS A 251 -3.77 6.62 -29.01
CA CYS A 251 -4.44 7.38 -30.08
C CYS A 251 -3.76 8.70 -30.45
N GLY A 252 -2.76 9.11 -29.67
CA GLY A 252 -2.02 10.32 -30.00
C GLY A 252 -2.65 11.62 -29.50
N THR A 253 -3.87 11.53 -28.98
CA THR A 253 -4.53 12.69 -28.36
C THR A 253 -3.76 13.16 -27.12
N PRO A 254 -3.64 14.49 -26.94
CA PRO A 254 -2.91 14.94 -25.75
C PRO A 254 -3.60 14.54 -24.45
N ILE A 255 -2.82 13.97 -23.54
CA ILE A 255 -3.32 13.62 -22.21
C ILE A 255 -3.69 14.90 -21.46
N GLU A 256 -4.80 14.85 -20.74
CA GLU A 256 -5.25 15.98 -19.95
C GLU A 256 -5.28 15.70 -18.46
N LYS A 257 -5.21 16.76 -17.66
CA LYS A 257 -5.24 16.66 -16.20
C LYS A 257 -6.26 17.62 -15.62
N THR A 258 -7.08 17.11 -14.71
CA THR A 258 -8.06 17.92 -14.01
C THR A 258 -8.09 17.55 -12.54
N VAL A 259 -9.10 18.04 -11.83
CA VAL A 259 -9.36 17.63 -10.45
C VAL A 259 -10.63 16.79 -10.39
N VAL A 260 -10.49 15.57 -9.89
CA VAL A 260 -11.62 14.68 -9.63
C VAL A 260 -11.40 14.10 -8.23
N ALA A 261 -12.46 14.02 -7.43
CA ALA A 261 -12.32 13.55 -6.06
C ALA A 261 -11.26 14.37 -5.31
N GLY A 262 -11.13 15.63 -5.68
CA GLY A 262 -10.14 16.52 -5.07
C GLY A 262 -8.71 16.05 -5.29
N ARG A 263 -8.48 15.32 -6.37
CA ARG A 263 -7.15 14.81 -6.68
C ARG A 263 -6.76 15.14 -8.11
N GLY A 264 -5.46 15.31 -8.34
CA GLY A 264 -4.92 15.44 -9.68
C GLY A 264 -5.25 14.19 -10.46
N THR A 265 -5.93 14.38 -11.59
CA THR A 265 -6.48 13.27 -12.35
C THR A 265 -6.09 13.35 -13.83
N HIS A 266 -5.51 12.25 -14.34
CA HIS A 266 -4.97 12.22 -15.70
C HIS A 266 -5.76 11.25 -16.56
N TYR A 267 -6.06 11.66 -17.79
CA TYR A 267 -6.88 10.83 -18.66
C TYR A 267 -6.75 11.25 -20.14
N CYS A 268 -7.14 10.34 -21.03
CA CYS A 268 -7.24 10.66 -22.45
C CYS A 268 -8.71 10.89 -22.81
N PRO A 269 -9.03 12.08 -23.34
CA PRO A 269 -10.44 12.39 -23.57
C PRO A 269 -11.00 11.64 -24.79
N ARG A 270 -10.15 10.95 -25.54
CA ARG A 270 -10.62 10.19 -26.68
C ARG A 270 -10.80 8.72 -26.33
N CYS A 271 -9.77 8.11 -25.73
CA CYS A 271 -9.87 6.71 -25.35
C CYS A 271 -10.88 6.44 -24.25
N GLN A 272 -11.04 7.39 -23.32
CA GLN A 272 -11.94 7.16 -22.19
C GLN A 272 -13.27 7.88 -22.38
N ARG A 273 -14.34 7.20 -21.99
CA ARG A 273 -15.71 7.66 -22.22
C ARG A 273 -16.57 7.51 -20.98
P CX2 C 12 -6.25 3.31 7.42
S CX2 C 12 -9.88 0.95 4.56
N1 CX2 C 12 -9.22 6.85 7.58
C2 CX2 C 12 -9.19 8.03 6.81
O2 CX2 C 12 -8.69 9.06 7.27
N3 CX2 C 12 -9.73 8.02 5.51
C4 CX2 C 12 -10.30 6.86 4.98
N4 CX2 C 12 -10.80 6.87 3.76
C5 CX2 C 12 -10.32 5.69 5.75
C6 CX2 C 12 -9.79 5.68 7.04
C1' CX2 C 12 -8.64 6.86 8.96
C2' CX2 C 12 -8.93 5.66 9.85
C3' CX2 C 12 -7.71 5.65 10.78
O3' CX2 C 12 -7.79 6.66 11.78
C4' CX2 C 12 -6.58 6.11 9.86
N4' CX2 C 12 -7.04 1.89 7.34
O4' CX2 C 12 -7.21 6.80 8.73
C5' CX2 C 12 -5.77 4.92 9.39
O5' CX2 C 12 -6.61 3.91 8.83
C7' CX2 C 12 -7.54 1.35 6.06
C8' CX2 C 12 -9.06 1.18 6.19
OP1 CX2 C 12 -4.81 3.13 7.26
ZN ZN D . -6.09 7.96 -26.28
C1 GOL E . 11.79 5.47 24.16
O1 GOL E . 10.75 6.05 23.39
C2 GOL E . 13.15 5.90 23.61
O2 GOL E . 13.62 7.04 24.32
C3 GOL E . 14.19 4.77 23.67
O3 GOL E . 14.26 4.05 22.45
C1 GOL F . 12.39 -16.21 3.35
O1 GOL F . 12.01 -16.54 2.02
C2 GOL F . 12.43 -17.44 4.26
O2 GOL F . 13.78 -17.75 4.57
C3 GOL F . 11.64 -17.18 5.55
O3 GOL F . 10.40 -17.89 5.63
C1 GOL G . 12.01 10.81 23.81
O1 GOL G . 10.85 11.61 23.93
C2 GOL G . 12.66 11.05 22.45
O2 GOL G . 11.92 12.03 21.75
C3 GOL G . 12.65 9.76 21.64
O3 GOL G . 13.37 8.77 22.34
C1 GOL H . 0.74 14.21 -5.49
O1 GOL H . 1.70 13.27 -5.05
C2 GOL H . -0.41 14.29 -4.50
O2 GOL H . -0.44 15.57 -3.92
C3 GOL H . -1.74 13.97 -5.19
O3 GOL H . -1.72 12.64 -5.69
#